data_5LT8
#
_entry.id   5LT8
#
_cell.length_a   43.236
_cell.length_b   76.836
_cell.length_c   76.847
_cell.angle_alpha   90.00
_cell.angle_beta   90.00
_cell.angle_gamma   90.00
#
_symmetry.space_group_name_H-M   'P 21 21 21'
#
loop_
_entity.id
_entity.type
_entity.pdbx_description
1 polymer 'Histone-lysine N-methyltransferase SETD2'
2 non-polymer 'ZINC ION'
3 non-polymer SINEFUNGIN
4 water water
#
_entity_poly.entity_id   1
_entity_poly.type   'polypeptide(L)'
_entity_poly.pdbx_seq_one_letter_code
;MHHHHHHSSGRENLYFQGETSVPPGSALVGPSCVMDDFRDPQRWKECAKQGKMPCYFDLIEENVYLTERKKNKSHRDIKR
MQCECTPLSKDERAQGEIACGEDCLNRLLMIECSSRCPNGDYCSNRRFQRKQHADVEVILTEKKGWGLRAAKDLPSNTFV
LEYCGEVLDHKEFKARVKEYARNKNIHYYFMALKNDEIIDATQKGNCSRFMNHSCEPNCETQKWTVNGQLRVGFFTTKLV
PSGSELTFDYQFQRYGKEAQKCFCGSANCRGYLGGENRVSIRAAGGKMKKERSRK
;
_entity_poly.pdbx_strand_id   A
#
# COMPACT_ATOMS: atom_id res chain seq x y z
N GLY A 30 -18.42 13.00 -5.20
CA GLY A 30 -18.29 11.62 -4.59
C GLY A 30 -18.07 11.68 -3.08
N PRO A 31 -18.72 10.77 -2.31
CA PRO A 31 -18.38 10.72 -0.88
C PRO A 31 -16.93 10.30 -0.62
N SER A 32 -16.39 10.74 0.50
CA SER A 32 -15.02 10.38 0.89
C SER A 32 -14.96 9.99 2.35
N CYS A 33 -13.90 9.29 2.72
CA CYS A 33 -13.66 8.97 4.11
C CYS A 33 -12.20 8.88 4.44
N VAL A 34 -11.91 9.00 5.73
CA VAL A 34 -10.52 9.00 6.19
C VAL A 34 -10.16 7.61 6.67
N MET A 35 -8.86 7.32 6.71
CA MET A 35 -8.43 5.98 7.06
C MET A 35 -8.90 5.55 8.45
N ASP A 36 -8.96 6.48 9.39
CA ASP A 36 -9.40 6.16 10.74
C ASP A 36 -10.89 5.76 10.80
N ASP A 37 -11.71 6.16 9.81
CA ASP A 37 -13.12 5.71 9.78
C ASP A 37 -13.26 4.19 9.63
N PHE A 38 -12.22 3.53 9.16
CA PHE A 38 -12.25 2.07 9.00
C PHE A 38 -11.98 1.34 10.31
N ARG A 39 -11.56 2.06 11.34
CA ARG A 39 -11.29 1.47 12.65
C ARG A 39 -12.54 1.15 13.48
N ASP A 40 -13.70 1.69 13.11
CA ASP A 40 -14.97 1.50 13.82
C ASP A 40 -15.94 0.62 12.98
N PRO A 41 -15.88 -0.73 13.14
CA PRO A 41 -16.66 -1.66 12.30
C PRO A 41 -18.16 -1.44 12.24
N GLN A 42 -18.76 -0.97 13.34
CA GLN A 42 -20.20 -0.75 13.38
C GLN A 42 -20.60 0.50 12.61
N ARG A 43 -19.95 1.62 12.89
CA ARG A 43 -20.19 2.86 12.11
C ARG A 43 -19.90 2.66 10.61
N TRP A 44 -18.86 1.90 10.31
CA TRP A 44 -18.49 1.59 8.91
C TRP A 44 -19.65 0.82 8.22
N LYS A 45 -20.07 -0.29 8.81
CA LYS A 45 -21.15 -1.10 8.22
C LYS A 45 -22.44 -0.32 7.98
N GLU A 46 -22.69 0.69 8.82
CA GLU A 46 -23.84 1.60 8.65
C GLU A 46 -23.58 2.63 7.55
N CYS A 47 -22.37 3.20 7.52
CA CYS A 47 -21.97 4.07 6.40
C CYS A 47 -22.07 3.32 5.07
N ALA A 48 -21.62 2.07 5.06
CA ALA A 48 -21.66 1.23 3.87
C ALA A 48 -23.09 0.99 3.41
N LYS A 49 -24.01 0.78 4.36
CA LYS A 49 -25.42 0.57 3.99
C LYS A 49 -26.02 1.75 3.23
N GLN A 50 -25.54 2.96 3.50
CA GLN A 50 -26.01 4.13 2.78
C GLN A 50 -25.04 4.68 1.72
N GLY A 51 -24.09 3.85 1.28
CA GLY A 51 -23.20 4.21 0.17
C GLY A 51 -22.11 5.23 0.49
N LYS A 52 -21.90 5.50 1.79
CA LYS A 52 -20.99 6.55 2.21
C LYS A 52 -19.60 6.01 2.55
N MET A 53 -19.47 4.68 2.61
CA MET A 53 -18.18 4.01 2.73
C MET A 53 -18.21 2.76 1.86
N PRO A 54 -17.04 2.25 1.48
CA PRO A 54 -17.05 1.00 0.72
C PRO A 54 -17.49 -0.20 1.53
N CYS A 55 -17.78 -1.28 0.82
CA CYS A 55 -18.14 -2.58 1.42
C CYS A 55 -17.15 -3.00 2.52
N TYR A 56 -17.68 -3.60 3.58
CA TYR A 56 -16.86 -4.06 4.69
C TYR A 56 -15.81 -5.09 4.26
N PHE A 57 -14.61 -5.00 4.83
CA PHE A 57 -13.57 -6.03 4.74
C PHE A 57 -12.89 -6.03 6.11
N ASP A 58 -12.08 -7.04 6.37
CA ASP A 58 -11.38 -7.16 7.65
CA ASP A 58 -11.38 -7.18 7.64
C ASP A 58 -10.11 -6.33 7.60
N LEU A 59 -10.07 -5.25 8.38
CA LEU A 59 -8.93 -4.36 8.41
C LEU A 59 -7.74 -4.93 9.19
N ILE A 60 -6.59 -5.11 8.53
CA ILE A 60 -5.37 -5.59 9.14
C ILE A 60 -4.20 -4.61 9.02
N GLU A 61 -3.29 -4.70 9.97
CA GLU A 61 -2.12 -3.82 10.12
C GLU A 61 -0.88 -4.42 9.47
N GLU A 62 -0.90 -5.73 9.25
CA GLU A 62 0.25 -6.48 8.84
C GLU A 62 -0.28 -7.72 8.09
N ASN A 63 0.50 -8.19 7.13
CA ASN A 63 0.16 -9.42 6.41
C ASN A 63 -0.13 -10.60 7.31
N VAL A 64 -1.10 -11.41 6.90
CA VAL A 64 -1.40 -12.65 7.59
C VAL A 64 -1.11 -13.77 6.59
N TYR A 65 -0.24 -14.70 6.99
CA TYR A 65 0.04 -15.88 6.20
C TYR A 65 -1.08 -16.90 6.39
N LEU A 66 -1.75 -17.24 5.29
CA LEU A 66 -2.79 -18.24 5.37
C LEU A 66 -2.16 -19.59 5.77
N THR A 67 -1.00 -19.90 5.21
CA THR A 67 -0.17 -20.99 5.70
C THR A 67 1.14 -20.39 6.18
N GLU A 68 1.50 -20.68 7.44
CA GLU A 68 2.78 -20.18 7.99
C GLU A 68 3.97 -20.81 7.27
N ARG A 69 5.00 -20.01 7.00
CA ARG A 69 6.20 -20.46 6.26
C ARG A 69 7.43 -20.65 7.17
N LYS A 70 8.53 -21.15 6.58
CA LYS A 70 9.81 -21.34 7.30
C LYS A 70 10.46 -20.01 7.68
N GLN A 82 21.79 -4.61 9.42
CA GLN A 82 22.55 -3.56 10.13
C GLN A 82 23.42 -2.65 9.24
N CYS A 83 23.10 -1.37 9.18
CA CYS A 83 23.76 -0.46 8.22
C CYS A 83 25.08 0.10 8.78
N GLU A 84 25.73 0.97 8.01
CA GLU A 84 27.01 1.57 8.41
C GLU A 84 26.89 3.09 8.65
N CYS A 85 25.68 3.58 8.88
CA CYS A 85 25.48 5.02 9.03
C CYS A 85 26.06 5.43 10.35
N THR A 86 26.70 6.60 10.33
CA THR A 86 27.24 7.20 11.53
C THR A 86 26.07 7.78 12.33
N PRO A 87 25.99 7.47 13.64
CA PRO A 87 24.87 8.00 14.43
C PRO A 87 24.85 9.52 14.47
N LEU A 88 23.70 10.11 14.18
CA LEU A 88 23.56 11.56 14.29
C LEU A 88 23.66 11.98 15.76
N SER A 89 24.28 13.14 15.99
CA SER A 89 24.30 13.78 17.31
C SER A 89 22.94 14.40 17.64
N LYS A 90 22.77 14.73 18.91
CA LYS A 90 21.58 15.46 19.36
C LYS A 90 21.48 16.83 18.67
N ASP A 91 22.64 17.49 18.49
CA ASP A 91 22.70 18.74 17.73
C ASP A 91 22.18 18.58 16.31
N GLU A 92 22.68 17.59 15.59
CA GLU A 92 22.21 17.32 14.21
C GLU A 92 20.71 17.01 14.14
N ARG A 93 20.24 16.17 15.06
CA ARG A 93 18.79 15.88 15.18
C ARG A 93 17.95 17.18 15.32
N ALA A 94 18.38 18.05 16.24
CA ALA A 94 17.77 19.37 16.42
C ALA A 94 17.87 20.21 15.15
N GLN A 95 19.05 20.19 14.51
CA GLN A 95 19.26 20.86 13.20
C GLN A 95 18.36 20.39 12.07
N GLY A 96 17.80 19.18 12.17
CA GLY A 96 16.84 18.66 11.22
C GLY A 96 17.46 17.70 10.21
N GLU A 97 18.68 17.23 10.48
CA GLU A 97 19.34 16.27 9.60
C GLU A 97 18.65 14.91 9.69
N ILE A 98 18.72 14.16 8.58
CA ILE A 98 18.00 12.90 8.39
C ILE A 98 18.90 11.74 8.76
N ALA A 99 18.37 10.80 9.53
CA ALA A 99 19.13 9.61 9.93
C ALA A 99 18.73 8.47 9.00
N CYS A 100 19.72 7.78 8.45
CA CYS A 100 19.50 6.68 7.50
C CYS A 100 18.72 7.16 6.27
N GLY A 101 19.24 8.21 5.65
CA GLY A 101 18.64 8.81 4.47
C GLY A 101 19.12 8.12 3.20
N GLU A 102 19.27 8.88 2.11
CA GLU A 102 19.43 8.26 0.78
C GLU A 102 20.72 7.48 0.62
N ASP A 103 21.71 7.79 1.43
CA ASP A 103 22.98 7.05 1.45
C ASP A 103 23.03 5.84 2.38
N CYS A 104 21.95 5.54 3.11
CA CYS A 104 21.95 4.38 4.00
C CYS A 104 22.13 3.09 3.19
N LEU A 105 23.11 2.27 3.57
CA LEU A 105 23.32 0.98 2.90
C LEU A 105 22.03 0.13 2.93
N ASN A 106 21.34 0.06 4.08
CA ASN A 106 20.13 -0.73 4.12
C ASN A 106 19.07 -0.21 3.16
N ARG A 107 18.87 1.11 3.16
CA ARG A 107 17.93 1.73 2.26
C ARG A 107 18.24 1.39 0.80
N LEU A 108 19.52 1.45 0.43
CA LEU A 108 19.92 1.09 -0.95
C LEU A 108 19.64 -0.38 -1.30
N LEU A 109 19.81 -1.24 -0.30
CA LEU A 109 19.48 -2.67 -0.42
C LEU A 109 17.97 -2.99 -0.37
N MET A 110 17.13 -1.98 -0.14
CA MET A 110 15.70 -2.11 0.06
C MET A 110 15.41 -3.03 1.27
N ILE A 111 16.22 -2.81 2.32
CA ILE A 111 16.05 -3.49 3.60
C ILE A 111 15.76 -2.40 4.63
N GLU A 112 14.69 -2.59 5.40
CA GLU A 112 14.50 -1.65 6.52
C GLU A 112 15.40 -1.93 7.66
N CYS A 113 15.73 -0.87 8.40
CA CYS A 113 16.51 -1.05 9.61
C CYS A 113 15.65 -1.61 10.73
N SER A 114 16.34 -2.19 11.69
CA SER A 114 15.73 -2.72 12.91
C SER A 114 15.89 -1.76 14.08
N SER A 115 15.38 -2.18 15.24
CA SER A 115 15.57 -1.39 16.45
C SER A 115 17.04 -1.18 16.84
N ARG A 116 17.93 -2.02 16.28
CA ARG A 116 19.34 -2.01 16.57
C ARG A 116 20.12 -1.05 15.67
N CYS A 117 19.42 -0.35 14.79
CA CYS A 117 20.06 0.66 13.93
C CYS A 117 20.94 1.57 14.77
N PRO A 118 22.15 1.94 14.26
CA PRO A 118 22.99 2.89 14.99
C PRO A 118 22.27 4.21 15.32
N ASN A 119 21.33 4.63 14.47
CA ASN A 119 20.48 5.80 14.72
C ASN A 119 19.25 5.58 15.61
N GLY A 120 19.03 4.35 16.07
CA GLY A 120 17.96 4.04 17.05
C GLY A 120 16.64 4.67 16.67
N ASP A 121 16.06 5.42 17.61
CA ASP A 121 14.72 5.99 17.39
C ASP A 121 14.63 6.93 16.19
N TYR A 122 15.75 7.55 15.84
CA TYR A 122 15.73 8.60 14.82
C TYR A 122 15.76 8.04 13.40
N CYS A 123 16.04 6.74 13.26
CA CYS A 123 16.13 6.12 11.95
C CYS A 123 14.89 6.38 11.09
N SER A 124 15.11 6.93 9.90
CA SER A 124 14.02 7.22 8.97
C SER A 124 13.76 6.07 8.01
N ASN A 125 14.48 4.94 8.18
CA ASN A 125 14.38 3.78 7.30
C ASN A 125 13.63 2.64 7.98
N ARG A 126 12.56 2.97 8.71
CA ARG A 126 11.67 1.97 9.33
C ARG A 126 10.22 2.31 9.01
N ARG A 127 9.99 2.78 7.78
CA ARG A 127 8.68 3.31 7.38
C ARG A 127 7.54 2.29 7.42
N PHE A 128 7.79 1.09 6.93
CA PHE A 128 6.76 0.05 6.96
C PHE A 128 6.45 -0.33 8.42
N GLN A 129 7.51 -0.54 9.18
CA GLN A 129 7.36 -0.97 10.57
C GLN A 129 6.63 0.04 11.43
N ARG A 130 6.93 1.31 11.24
CA ARG A 130 6.31 2.39 12.00
C ARG A 130 5.03 2.94 11.36
N LYS A 131 4.57 2.32 10.28
CA LYS A 131 3.34 2.71 9.58
C LYS A 131 3.34 4.20 9.28
N GLN A 132 4.45 4.67 8.71
CA GLN A 132 4.65 6.09 8.39
C GLN A 132 4.01 6.41 7.04
N HIS A 133 2.69 6.22 7.02
CA HIS A 133 1.90 6.33 5.77
CA HIS A 133 1.88 6.34 5.79
C HIS A 133 1.62 7.79 5.42
N ALA A 134 1.34 8.01 4.14
CA ALA A 134 0.89 9.31 3.67
C ALA A 134 -0.55 9.58 4.08
N ASP A 135 -0.93 10.87 4.02
CA ASP A 135 -2.24 11.30 4.36
C ASP A 135 -3.09 11.09 3.11
N VAL A 136 -3.93 10.08 3.16
CA VAL A 136 -4.76 9.63 2.03
C VAL A 136 -6.20 9.41 2.48
N GLU A 137 -7.13 9.63 1.57
CA GLU A 137 -8.55 9.46 1.82
C GLU A 137 -9.08 8.46 0.82
N VAL A 138 -10.15 7.80 1.17
CA VAL A 138 -10.82 6.85 0.28
C VAL A 138 -12.02 7.57 -0.33
N ILE A 139 -12.13 7.52 -1.65
CA ILE A 139 -13.13 8.28 -2.37
C ILE A 139 -13.89 7.42 -3.36
N LEU A 140 -15.13 7.78 -3.63
CA LEU A 140 -15.92 7.06 -4.62
C LEU A 140 -15.66 7.71 -5.97
N THR A 141 -15.17 6.92 -6.92
CA THR A 141 -14.90 7.46 -8.27
C THR A 141 -16.12 7.27 -9.12
N GLU A 142 -16.10 7.91 -10.28
CA GLU A 142 -17.20 7.88 -11.24
C GLU A 142 -17.47 6.49 -11.81
N LYS A 143 -16.43 5.75 -12.17
CA LYS A 143 -16.62 4.46 -12.86
C LYS A 143 -15.73 3.31 -12.44
N LYS A 144 -14.88 3.48 -11.42
CA LYS A 144 -13.91 2.46 -11.05
C LYS A 144 -14.20 1.83 -9.69
N GLY A 145 -15.29 2.28 -9.05
CA GLY A 145 -15.49 1.96 -7.64
C GLY A 145 -14.81 2.97 -6.73
N TRP A 146 -14.40 2.51 -5.56
CA TRP A 146 -13.70 3.39 -4.65
C TRP A 146 -12.22 3.47 -5.05
N GLY A 147 -11.57 4.55 -4.66
CA GLY A 147 -10.12 4.71 -4.87
C GLY A 147 -9.51 5.51 -3.74
N LEU A 148 -8.25 5.85 -3.94
CA LEU A 148 -7.45 6.61 -2.97
C LEU A 148 -7.08 7.95 -3.54
N ARG A 149 -7.16 8.97 -2.72
CA ARG A 149 -6.66 10.27 -3.12
C ARG A 149 -5.76 10.89 -2.05
N ALA A 150 -4.86 11.74 -2.51
CA ALA A 150 -3.98 12.48 -1.62
C ALA A 150 -4.78 13.49 -0.83
N ALA A 151 -4.61 13.51 0.50
CA ALA A 151 -5.25 14.51 1.33
C ALA A 151 -4.36 15.72 1.61
N LYS A 152 -3.08 15.62 1.24
CA LYS A 152 -2.08 16.70 1.36
C LYS A 152 -1.19 16.54 0.12
N ASP A 153 -0.44 17.58 -0.26
CA ASP A 153 0.56 17.35 -1.32
C ASP A 153 1.54 16.23 -0.93
N LEU A 154 1.79 15.27 -1.80
CA LEU A 154 2.69 14.16 -1.47
C LEU A 154 3.95 14.34 -2.30
N PRO A 155 5.11 14.54 -1.65
CA PRO A 155 6.35 14.65 -2.41
C PRO A 155 6.63 13.45 -3.25
N SER A 156 7.39 13.69 -4.31
CA SER A 156 7.85 12.58 -5.16
C SER A 156 8.69 11.59 -4.37
N ASN A 157 8.56 10.31 -4.72
CA ASN A 157 9.40 9.26 -4.18
C ASN A 157 9.25 9.14 -2.69
N THR A 158 7.99 9.19 -2.22
CA THR A 158 7.68 8.98 -0.84
C THR A 158 6.68 7.81 -0.62
N PHE A 159 6.77 7.21 0.56
CA PHE A 159 5.97 6.02 0.91
C PHE A 159 4.54 6.46 1.12
N VAL A 160 3.63 5.75 0.49
CA VAL A 160 2.20 5.97 0.65
C VAL A 160 1.54 5.06 1.70
N LEU A 161 1.51 3.76 1.43
CA LEU A 161 0.90 2.74 2.32
C LEU A 161 1.49 1.40 1.97
N GLU A 162 1.51 0.49 2.94
CA GLU A 162 1.83 -0.92 2.62
C GLU A 162 0.60 -1.63 2.06
N TYR A 163 0.85 -2.49 1.06
CA TYR A 163 -0.18 -3.37 0.50
C TYR A 163 -0.26 -4.61 1.38
N CYS A 164 -1.21 -4.62 2.31
CA CYS A 164 -1.39 -5.76 3.19
C CYS A 164 -2.54 -6.65 2.77
N GLY A 165 -2.43 -7.90 3.16
CA GLY A 165 -3.48 -8.85 2.96
C GLY A 165 -3.15 -10.23 3.49
N GLU A 166 -3.94 -11.19 3.04
CA GLU A 166 -3.67 -12.58 3.30
C GLU A 166 -2.62 -13.05 2.28
N VAL A 167 -1.52 -13.58 2.75
CA VAL A 167 -0.48 -14.09 1.83
C VAL A 167 -0.81 -15.54 1.52
N LEU A 168 -0.94 -15.84 0.21
CA LEU A 168 -1.34 -17.12 -0.30
C LEU A 168 -0.17 -17.83 -0.94
N ASP A 169 -0.09 -19.15 -0.75
CA ASP A 169 0.79 -19.98 -1.57
C ASP A 169 0.11 -20.29 -2.89
N HIS A 170 0.85 -20.97 -3.77
CA HIS A 170 0.32 -21.30 -5.11
C HIS A 170 -1.00 -22.09 -5.13
N LYS A 171 -1.18 -22.97 -4.14
CA LYS A 171 -2.37 -23.77 -4.02
C LYS A 171 -3.54 -22.95 -3.53
N GLU A 172 -3.29 -22.11 -2.55
CA GLU A 172 -4.31 -21.23 -2.03
C GLU A 172 -4.76 -20.22 -3.09
N PHE A 173 -3.79 -19.71 -3.85
CA PHE A 173 -4.06 -18.77 -4.91
C PHE A 173 -4.95 -19.41 -5.96
N LYS A 174 -4.60 -20.63 -6.35
CA LYS A 174 -5.43 -21.38 -7.30
C LYS A 174 -6.89 -21.48 -6.83
N ALA A 175 -7.06 -21.82 -5.56
CA ALA A 175 -8.39 -21.95 -5.00
C ALA A 175 -9.15 -20.63 -4.93
N ARG A 176 -8.48 -19.55 -4.53
CA ARG A 176 -9.12 -18.23 -4.41
C ARG A 176 -9.52 -17.71 -5.78
N VAL A 177 -8.63 -17.87 -6.76
CA VAL A 177 -8.97 -17.50 -8.16
C VAL A 177 -10.28 -18.18 -8.57
N LYS A 178 -10.38 -19.48 -8.35
CA LYS A 178 -11.56 -20.24 -8.71
C LYS A 178 -12.82 -19.75 -7.95
N GLU A 179 -12.69 -19.51 -6.65
CA GLU A 179 -13.79 -19.07 -5.78
C GLU A 179 -14.31 -17.70 -6.24
N TYR A 180 -13.40 -16.76 -6.44
CA TYR A 180 -13.80 -15.39 -6.81
C TYR A 180 -14.50 -15.36 -8.16
N ALA A 181 -14.02 -16.17 -9.11
CA ALA A 181 -14.69 -16.31 -10.42
C ALA A 181 -16.08 -16.93 -10.26
N ARG A 182 -16.20 -17.96 -9.42
CA ARG A 182 -17.51 -18.61 -9.10
C ARG A 182 -18.48 -17.59 -8.51
N ASN A 183 -17.98 -16.73 -7.63
CA ASN A 183 -18.81 -15.73 -6.98
C ASN A 183 -19.08 -14.47 -7.82
N LYS A 184 -18.50 -14.38 -9.01
CA LYS A 184 -18.68 -13.30 -9.95
C LYS A 184 -18.22 -11.96 -9.38
N ASN A 185 -17.09 -11.98 -8.68
CA ASN A 185 -16.52 -10.74 -8.13
C ASN A 185 -16.17 -9.78 -9.25
N ILE A 186 -16.41 -8.50 -9.02
CA ILE A 186 -16.04 -7.48 -10.00
C ILE A 186 -14.59 -7.04 -9.76
N HIS A 187 -14.26 -6.73 -8.51
CA HIS A 187 -12.95 -6.16 -8.20
C HIS A 187 -12.01 -7.23 -7.75
N TYR A 188 -10.74 -7.08 -8.15
CA TYR A 188 -9.68 -8.00 -7.72
C TYR A 188 -8.65 -7.28 -6.89
N TYR A 189 -7.98 -8.08 -6.05
CA TYR A 189 -7.11 -7.54 -5.03
C TYR A 189 -5.90 -8.44 -4.83
N PHE A 190 -5.31 -8.92 -5.92
CA PHE A 190 -4.13 -9.74 -5.85
C PHE A 190 -2.88 -8.95 -6.15
N MET A 191 -1.80 -9.25 -5.44
CA MET A 191 -0.51 -8.65 -5.74
CA MET A 191 -0.51 -8.64 -5.70
C MET A 191 0.57 -9.70 -5.46
N ALA A 192 1.29 -10.07 -6.52
CA ALA A 192 2.45 -10.95 -6.37
C ALA A 192 3.51 -10.38 -5.50
N LEU A 193 4.03 -11.19 -4.59
CA LEU A 193 5.04 -10.75 -3.66
C LEU A 193 6.39 -11.42 -3.96
N LYS A 194 6.42 -12.74 -3.96
CA LYS A 194 7.62 -13.49 -4.33
C LYS A 194 7.15 -14.87 -4.76
N ASN A 195 8.09 -15.74 -5.13
CA ASN A 195 7.74 -17.10 -5.42
C ASN A 195 6.89 -17.68 -4.27
N ASP A 196 5.74 -18.25 -4.65
CA ASP A 196 4.86 -18.94 -3.73
C ASP A 196 4.27 -18.01 -2.67
N GLU A 197 4.24 -16.70 -2.93
CA GLU A 197 3.56 -15.73 -2.07
C GLU A 197 2.84 -14.71 -2.92
N ILE A 198 1.51 -14.73 -2.85
CA ILE A 198 0.67 -13.79 -3.53
CA ILE A 198 0.69 -13.76 -3.54
C ILE A 198 -0.21 -13.17 -2.45
N ILE A 199 -0.20 -11.86 -2.36
CA ILE A 199 -1.06 -11.17 -1.40
C ILE A 199 -2.46 -11.07 -1.96
N ASP A 200 -3.45 -11.40 -1.14
CA ASP A 200 -4.86 -11.30 -1.52
C ASP A 200 -5.49 -10.38 -0.48
N ALA A 201 -5.89 -9.21 -0.94
CA ALA A 201 -6.58 -8.25 -0.08
C ALA A 201 -8.10 -8.24 -0.21
N THR A 202 -8.69 -9.29 -0.79
CA THR A 202 -10.11 -9.32 -0.98
C THR A 202 -10.90 -9.34 0.31
N GLN A 203 -10.48 -10.21 1.21
CA GLN A 203 -11.19 -10.46 2.47
C GLN A 203 -10.57 -9.66 3.62
N LYS A 204 -9.23 -9.61 3.64
CA LYS A 204 -8.48 -8.92 4.68
C LYS A 204 -7.42 -8.04 4.03
N GLY A 205 -7.26 -6.80 4.52
CA GLY A 205 -6.28 -5.88 4.00
C GLY A 205 -6.40 -4.52 4.64
N ASN A 206 -5.83 -3.52 3.98
CA ASN A 206 -5.98 -2.14 4.44
C ASN A 206 -6.42 -1.26 3.26
N CYS A 207 -6.38 0.06 3.44
CA CYS A 207 -6.91 0.94 2.41
C CYS A 207 -6.10 0.93 1.11
N SER A 208 -4.89 0.37 1.13
CA SER A 208 -4.12 0.17 -0.11
C SER A 208 -4.87 -0.60 -1.14
N ARG A 209 -5.80 -1.45 -0.70
CA ARG A 209 -6.58 -2.27 -1.65
C ARG A 209 -7.45 -1.44 -2.57
N PHE A 210 -7.66 -0.17 -2.22
CA PHE A 210 -8.46 0.72 -3.04
C PHE A 210 -7.70 1.46 -4.13
N MET A 211 -6.37 1.40 -4.15
CA MET A 211 -5.65 2.16 -5.18
C MET A 211 -5.95 1.58 -6.56
N ASN A 212 -6.43 2.45 -7.43
CA ASN A 212 -6.80 2.07 -8.77
C ASN A 212 -5.63 2.03 -9.74
N HIS A 213 -5.92 1.41 -10.87
CA HIS A 213 -4.98 1.31 -11.97
C HIS A 213 -4.99 2.57 -12.83
N SER A 214 -3.80 3.00 -13.29
CA SER A 214 -3.71 3.92 -14.41
C SER A 214 -2.56 3.55 -15.34
N CYS A 215 -2.80 3.83 -16.61
CA CYS A 215 -1.80 3.60 -17.66
C CYS A 215 -0.75 4.71 -17.62
N GLU A 216 -1.03 5.79 -16.91
CA GLU A 216 -0.09 6.88 -16.67
C GLU A 216 -0.11 7.19 -15.17
N PRO A 217 0.48 6.31 -14.38
CA PRO A 217 0.30 6.36 -12.92
C PRO A 217 1.16 7.38 -12.19
N ASN A 218 0.79 7.65 -10.94
CA ASN A 218 1.65 8.50 -10.08
C ASN A 218 2.29 7.79 -8.90
N CYS A 219 2.07 6.46 -8.80
CA CYS A 219 2.70 5.61 -7.75
C CYS A 219 3.21 4.34 -8.39
N GLU A 220 4.08 3.67 -7.64
CA GLU A 220 4.66 2.40 -8.05
C GLU A 220 4.74 1.50 -6.80
N THR A 221 4.86 0.19 -7.05
CA THR A 221 5.18 -0.69 -5.96
C THR A 221 6.68 -0.84 -5.76
N GLN A 222 7.07 -1.04 -4.52
CA GLN A 222 8.42 -1.44 -4.17
C GLN A 222 8.36 -2.54 -3.11
N LYS A 223 9.19 -3.54 -3.29
CA LYS A 223 9.27 -4.68 -2.37
CA LYS A 223 9.27 -4.68 -2.37
C LYS A 223 10.46 -4.48 -1.42
N TRP A 224 10.15 -4.39 -0.14
CA TRP A 224 11.10 -4.08 0.94
C TRP A 224 11.18 -5.27 1.90
N THR A 225 12.37 -5.51 2.40
CA THR A 225 12.58 -6.60 3.36
C THR A 225 12.53 -6.01 4.77
N VAL A 226 11.68 -6.60 5.61
CA VAL A 226 11.57 -6.22 7.00
C VAL A 226 11.74 -7.47 7.85
N ASN A 227 12.79 -7.51 8.67
CA ASN A 227 13.13 -8.70 9.48
C ASN A 227 13.17 -9.98 8.65
N GLY A 228 13.88 -9.91 7.53
CA GLY A 228 14.00 -11.01 6.62
C GLY A 228 12.76 -11.46 5.89
N GLN A 229 11.64 -10.72 5.98
CA GLN A 229 10.43 -11.05 5.28
C GLN A 229 10.09 -9.96 4.28
N LEU A 230 9.70 -10.36 3.08
CA LEU A 230 9.43 -9.37 2.04
C LEU A 230 8.03 -8.80 2.21
N ARG A 231 7.90 -7.49 2.02
CA ARG A 231 6.63 -6.76 2.02
C ARG A 231 6.59 -5.88 0.80
N VAL A 232 5.42 -5.34 0.48
CA VAL A 232 5.31 -4.47 -0.73
C VAL A 232 4.50 -3.24 -0.34
N GLY A 233 4.96 -2.08 -0.81
CA GLY A 233 4.25 -0.87 -0.58
C GLY A 233 4.15 -0.03 -1.81
N PHE A 234 3.26 0.93 -1.75
CA PHE A 234 3.12 1.97 -2.76
C PHE A 234 3.95 3.21 -2.40
N PHE A 235 4.61 3.73 -3.41
CA PHE A 235 5.45 4.91 -3.34
C PHE A 235 5.13 5.85 -4.49
N THR A 236 5.01 7.14 -4.22
CA THR A 236 4.77 8.12 -5.31
C THR A 236 5.96 8.17 -6.28
N THR A 237 5.71 8.45 -7.54
CA THR A 237 6.79 8.65 -8.51
C THR A 237 6.80 10.07 -9.04
N LYS A 238 5.88 10.89 -8.52
CA LYS A 238 5.75 12.30 -8.84
C LYS A 238 5.27 13.02 -7.60
N LEU A 239 5.42 14.33 -7.61
CA LEU A 239 4.73 15.16 -6.62
CA LEU A 239 4.72 15.15 -6.61
C LEU A 239 3.23 15.04 -6.96
N VAL A 240 2.44 14.57 -6.02
CA VAL A 240 0.99 14.39 -6.21
C VAL A 240 0.30 15.50 -5.43
N PRO A 241 -0.35 16.41 -6.15
CA PRO A 241 -1.00 17.49 -5.39
C PRO A 241 -2.21 17.02 -4.60
N SER A 242 -2.47 17.73 -3.53
CA SER A 242 -3.64 17.46 -2.69
C SER A 242 -4.90 17.34 -3.54
N GLY A 243 -5.71 16.31 -3.28
CA GLY A 243 -6.97 16.10 -4.01
C GLY A 243 -6.86 15.15 -5.20
N SER A 244 -5.65 14.83 -5.64
CA SER A 244 -5.48 13.97 -6.79
C SER A 244 -5.57 12.51 -6.43
N GLU A 245 -6.22 11.72 -7.29
CA GLU A 245 -6.26 10.28 -7.12
C GLU A 245 -4.86 9.67 -7.26
N LEU A 246 -4.57 8.75 -6.36
CA LEU A 246 -3.31 7.98 -6.39
C LEU A 246 -3.57 6.74 -7.23
N THR A 247 -2.65 6.42 -8.14
CA THR A 247 -2.82 5.34 -9.08
C THR A 247 -1.49 4.60 -9.28
N PHE A 248 -1.58 3.32 -9.67
CA PHE A 248 -0.37 2.58 -10.08
C PHE A 248 -0.69 1.76 -11.31
N ASP A 249 0.36 1.26 -11.95
CA ASP A 249 0.22 0.45 -13.15
C ASP A 249 0.10 -1.03 -12.71
N TYR A 250 -1.14 -1.53 -12.68
CA TYR A 250 -1.42 -2.96 -12.44
C TYR A 250 -0.65 -3.85 -13.42
N GLN A 251 -0.22 -5.00 -12.95
CA GLN A 251 0.41 -5.98 -13.83
C GLN A 251 0.42 -7.36 -13.18
N ALA A 259 -11.93 -9.44 -19.10
CA ALA A 259 -10.99 -8.39 -19.52
C ALA A 259 -11.61 -7.01 -19.29
N GLN A 260 -11.26 -6.37 -18.17
CA GLN A 260 -11.91 -5.12 -17.74
C GLN A 260 -11.40 -3.92 -18.54
N LYS A 261 -12.29 -3.15 -19.15
CA LYS A 261 -11.89 -1.88 -19.78
C LYS A 261 -11.37 -0.87 -18.76
N CYS A 262 -10.45 -0.03 -19.24
CA CYS A 262 -9.73 0.90 -18.40
C CYS A 262 -10.32 2.26 -18.54
N PHE A 263 -10.64 2.85 -17.38
CA PHE A 263 -11.22 4.17 -17.30
C PHE A 263 -10.27 5.16 -16.70
N CYS A 264 -8.97 4.93 -16.83
CA CYS A 264 -7.99 5.85 -16.23
C CYS A 264 -8.02 7.25 -16.86
N GLY A 265 -8.43 7.35 -18.12
CA GLY A 265 -8.57 8.62 -18.81
C GLY A 265 -7.28 9.18 -19.40
N SER A 266 -6.17 8.46 -19.24
CA SER A 266 -4.87 8.90 -19.78
C SER A 266 -4.88 8.94 -21.31
N ALA A 267 -4.17 9.91 -21.88
CA ALA A 267 -3.96 9.99 -23.33
C ALA A 267 -3.36 8.71 -23.90
N ASN A 268 -2.50 8.05 -23.13
CA ASN A 268 -1.86 6.79 -23.51
C ASN A 268 -2.61 5.53 -23.04
N CYS A 269 -3.90 5.65 -22.70
CA CYS A 269 -4.59 4.53 -22.11
C CYS A 269 -4.48 3.30 -23.02
N ARG A 270 -4.10 2.19 -22.41
CA ARG A 270 -3.93 0.94 -23.12
C ARG A 270 -5.28 0.24 -23.32
N GLY A 271 -6.36 0.81 -22.77
CA GLY A 271 -7.74 0.37 -23.05
C GLY A 271 -8.31 -0.66 -22.11
N TYR A 272 -7.45 -1.50 -21.52
CA TYR A 272 -7.83 -2.61 -20.66
C TYR A 272 -6.88 -2.71 -19.49
N LEU A 273 -7.33 -3.30 -18.38
CA LEU A 273 -6.47 -3.44 -17.20
C LEU A 273 -5.41 -4.51 -17.45
N GLY A 274 -4.15 -4.15 -17.18
CA GLY A 274 -3.02 -5.03 -17.45
C GLY A 274 -1.71 -4.47 -16.93
#